data_4FQO
#
_entry.id   4FQO
#
_cell.length_a   63.079
_cell.length_b   63.079
_cell.length_c   48.998
_cell.angle_alpha   90.000
_cell.angle_beta   90.000
_cell.angle_gamma   90.000
#
_symmetry.space_group_name_H-M   'P 41 21 2'
#
loop_
_entity.id
_entity.type
_entity.pdbx_description
1 polymer 'Protein S100-B'
2 non-polymer 'CALCIUM ION'
3 non-polymer "4,4'-[heptane-1,7-diylbis(oxy)]dibenzenecarboximidamide"
4 water water
#
_entity_poly.entity_id   1
_entity_poly.type   'polypeptide(L)'
_entity_poly.pdbx_seq_one_letter_code
;MSELEKAVVALIDVFHQYSGREGDKHKLKKSELKELINNELSHFLEEIKEQEVVDKVMETLDSDGDGECDFQEFMAFVAM
ITTACHEFF
;
_entity_poly.pdbx_strand_id   A
#
loop_
_chem_comp.id
_chem_comp.type
_chem_comp.name
_chem_comp.formula
AZ3 non-polymer 4,4'-[heptane-1,7-diylbis(oxy)]dibenzenecarboximidamide 'C21 H28 N4 O2'
CA non-polymer 'CALCIUM ION' 'Ca 2'
#
# COMPACT_ATOMS: atom_id res chain seq x y z
N MET A 1 -3.00 21.06 -13.00
CA MET A 1 -1.90 20.09 -12.70
C MET A 1 -1.89 18.96 -13.72
N SER A 2 -0.71 18.42 -13.98
CA SER A 2 -0.56 17.33 -14.94
C SER A 2 -1.11 16.04 -14.39
N GLU A 3 -1.21 15.02 -15.25
CA GLU A 3 -1.61 13.68 -14.81
C GLU A 3 -0.61 13.12 -13.80
N LEU A 4 0.69 13.36 -14.03
CA LEU A 4 1.71 12.95 -13.07
C LEU A 4 1.52 13.60 -11.70
N GLU A 5 1.26 14.90 -11.69
CA GLU A 5 1.09 15.62 -10.44
C GLU A 5 -0.15 15.12 -9.71
N LYS A 6 -1.24 14.92 -10.45
CA LYS A 6 -2.45 14.35 -9.84
CA LYS A 6 -2.48 14.33 -9.90
C LYS A 6 -2.21 12.94 -9.30
N ALA A 7 -1.42 12.14 -10.01
CA ALA A 7 -1.06 10.81 -9.53
C ALA A 7 -0.29 10.84 -8.21
N VAL A 8 0.71 11.72 -8.13
CA VAL A 8 1.46 11.93 -6.88
C VAL A 8 0.50 12.23 -5.71
N VAL A 9 -0.43 13.14 -5.94
CA VAL A 9 -1.39 13.48 -4.88
C VAL A 9 -2.28 12.29 -4.50
N ALA A 10 -2.68 11.50 -5.49
CA ALA A 10 -3.47 10.32 -5.22
C ALA A 10 -2.75 9.28 -4.36
N LEU A 11 -1.42 9.14 -4.57
CA LEU A 11 -0.61 8.20 -3.74
C LEU A 11 -0.64 8.65 -2.31
N ILE A 12 -0.49 9.94 -2.11
CA ILE A 12 -0.51 10.48 -0.72
C ILE A 12 -1.90 10.31 -0.11
N ASP A 13 -2.95 10.63 -0.88
CA ASP A 13 -4.34 10.53 -0.41
C ASP A 13 -4.69 9.12 0.05
N VAL A 14 -4.30 8.11 -0.74
CA VAL A 14 -4.73 6.75 -0.41
C VAL A 14 -4.00 6.26 0.83
N PHE A 15 -2.75 6.68 0.98
CA PHE A 15 -2.01 6.28 2.19
C PHE A 15 -2.75 6.80 3.41
N HIS A 16 -3.10 8.07 3.39
CA HIS A 16 -3.77 8.67 4.55
C HIS A 16 -5.19 8.21 4.80
N GLN A 17 -5.85 7.81 3.74
CA GLN A 17 -7.19 7.26 3.83
C GLN A 17 -7.20 6.01 4.70
N TYR A 18 -6.10 5.28 4.65
CA TYR A 18 -6.00 4.01 5.39
C TYR A 18 -5.17 4.11 6.66
N SER A 19 -4.09 4.90 6.63
CA SER A 19 -3.17 4.99 7.78
C SER A 19 -3.76 5.63 9.03
N GLY A 20 -4.71 6.52 8.83
CA GLY A 20 -5.35 7.24 9.94
C GLY A 20 -6.50 6.55 10.66
N ARG A 21 -6.84 5.35 10.22
CA ARG A 21 -7.99 4.62 10.77
C ARG A 21 -7.72 4.16 12.19
N GLU A 22 -6.50 3.66 12.44
CA GLU A 22 -6.14 2.98 13.69
C GLU A 22 -4.74 3.37 14.15
N GLY A 23 -4.56 3.38 15.47
CA GLY A 23 -3.22 3.48 16.04
C GLY A 23 -2.42 4.65 15.52
N ASP A 24 -1.15 4.39 15.19
CA ASP A 24 -0.28 5.41 14.60
C ASP A 24 -0.92 5.96 13.35
N LYS A 25 -1.24 7.25 13.33
CA LYS A 25 -1.94 7.79 12.19
C LYS A 25 -1.04 7.96 10.97
N HIS A 26 0.27 7.75 11.15
CA HIS A 26 1.24 7.92 10.07
C HIS A 26 1.78 6.59 9.52
N LYS A 27 1.23 5.47 9.97
CA LYS A 27 1.67 4.17 9.47
C LYS A 27 0.46 3.27 9.24
N LEU A 28 0.61 2.31 8.33
CA LEU A 28 -0.39 1.29 8.08
C LEU A 28 -0.04 0.07 8.91
N LYS A 29 -0.87 -0.26 9.91
CA LYS A 29 -0.74 -1.56 10.56
C LYS A 29 -1.35 -2.63 9.65
N LYS A 30 -1.17 -3.91 9.97
CA LYS A 30 -1.61 -4.98 9.06
C LYS A 30 -3.08 -4.87 8.68
N SER A 31 -3.92 -4.54 9.66
CA SER A 31 -5.35 -4.45 9.40
C SER A 31 -5.65 -3.34 8.39
N GLU A 32 -4.93 -2.22 8.48
CA GLU A 32 -5.15 -1.11 7.54
C GLU A 32 -4.66 -1.47 6.14
N LEU A 33 -3.51 -2.13 6.10
CA LEU A 33 -2.90 -2.56 4.84
C LEU A 33 -3.80 -3.55 4.09
N LYS A 34 -4.42 -4.45 4.84
CA LYS A 34 -5.40 -5.39 4.30
C LYS A 34 -6.56 -4.65 3.67
N GLU A 35 -7.15 -3.71 4.43
CA GLU A 35 -8.23 -2.87 3.87
C GLU A 35 -7.82 -2.13 2.59
N LEU A 36 -6.63 -1.53 2.59
CA LEU A 36 -6.17 -0.78 1.43
C LEU A 36 -6.08 -1.69 0.20
N ILE A 37 -5.44 -2.85 0.37
CA ILE A 37 -5.30 -3.78 -0.75
C ILE A 37 -6.65 -4.27 -1.28
N ASN A 38 -7.55 -4.63 -0.37
CA ASN A 38 -8.84 -5.18 -0.76
C ASN A 38 -9.77 -4.17 -1.39
N ASN A 39 -9.69 -2.92 -0.94
CA ASN A 39 -10.57 -1.87 -1.43
C ASN A 39 -10.01 -1.02 -2.56
N GLU A 40 -8.69 -0.89 -2.66
CA GLU A 40 -8.06 0.03 -3.63
C GLU A 40 -7.18 -0.67 -4.66
N LEU A 41 -6.92 -1.96 -4.46
CA LEU A 41 -6.15 -2.73 -5.44
C LEU A 41 -6.90 -3.97 -5.90
N SER A 42 -8.23 -3.88 -5.93
CA SER A 42 -9.04 -5.05 -6.25
C SER A 42 -8.93 -5.52 -7.69
N HIS A 43 -8.44 -4.65 -8.58
CA HIS A 43 -8.28 -5.03 -9.99
C HIS A 43 -6.86 -5.50 -10.29
N PHE A 44 -5.93 -5.20 -9.40
CA PHE A 44 -4.53 -5.57 -9.59
C PHE A 44 -4.08 -6.73 -8.72
N LEU A 45 -4.61 -6.83 -7.50
CA LEU A 45 -4.20 -7.87 -6.56
C LEU A 45 -5.38 -8.73 -6.12
N GLU A 46 -5.10 -10.00 -5.83
CA GLU A 46 -6.11 -10.91 -5.34
C GLU A 46 -6.50 -10.48 -3.93
N GLU A 47 -7.79 -10.57 -3.62
CA GLU A 47 -8.30 -10.22 -2.31
C GLU A 47 -7.61 -11.02 -1.21
N ILE A 48 -7.26 -10.35 -0.12
CA ILE A 48 -6.65 -11.01 1.02
C ILE A 48 -7.73 -11.41 2.00
N LYS A 49 -7.83 -12.71 2.23
CA LYS A 49 -8.84 -13.27 3.14
C LYS A 49 -8.24 -13.88 4.41
N GLU A 50 -6.96 -14.30 4.32
CA GLU A 50 -6.26 -14.94 5.45
C GLU A 50 -5.21 -14.06 6.11
N GLN A 51 -5.11 -14.15 7.43
CA GLN A 51 -4.16 -13.36 8.20
C GLN A 51 -2.71 -13.63 7.75
N GLU A 52 -2.42 -14.88 7.43
CA GLU A 52 -1.09 -15.22 6.93
C GLU A 52 -0.71 -14.56 5.59
N VAL A 53 -1.68 -14.26 4.74
CA VAL A 53 -1.41 -13.55 3.48
C VAL A 53 -1.02 -12.11 3.75
N VAL A 54 -1.75 -11.42 4.64
CA VAL A 54 -1.33 -10.08 5.03
C VAL A 54 -0.03 -10.10 5.85
N ASP A 55 0.19 -11.13 6.66
CA ASP A 55 1.46 -11.22 7.39
C ASP A 55 2.63 -11.24 6.42
N LYS A 56 2.47 -11.96 5.32
CA LYS A 56 3.55 -12.11 4.32
C LYS A 56 3.77 -10.82 3.56
N VAL A 57 2.69 -10.11 3.24
CA VAL A 57 2.83 -8.84 2.56
C VAL A 57 3.53 -7.86 3.47
N MET A 58 3.11 -7.78 4.73
CA MET A 58 3.78 -6.90 5.67
C MET A 58 5.25 -7.28 5.86
N GLU A 59 5.55 -8.57 5.93
CA GLU A 59 6.94 -9.00 6.09
C GLU A 59 7.79 -8.45 4.94
N THR A 60 7.25 -8.50 3.72
CA THR A 60 7.98 -7.99 2.56
C THR A 60 8.18 -6.47 2.68
N LEU A 61 7.14 -5.77 3.09
CA LEU A 61 7.12 -4.31 3.09
C LEU A 61 7.85 -3.66 4.26
N ASP A 62 7.91 -4.36 5.39
CA ASP A 62 8.36 -3.73 6.62
C ASP A 62 9.89 -3.76 6.79
N SER A 63 10.59 -2.75 6.30
CA SER A 63 12.05 -2.80 6.28
C SER A 63 12.70 -2.38 7.60
N ASP A 64 11.94 -1.80 8.53
CA ASP A 64 12.55 -1.40 9.79
C ASP A 64 12.05 -2.20 10.98
N GLY A 65 11.27 -3.23 10.71
CA GLY A 65 10.93 -4.23 11.69
C GLY A 65 9.94 -3.82 12.78
N ASP A 66 9.18 -2.75 12.54
CA ASP A 66 8.18 -2.29 13.55
C ASP A 66 6.79 -2.89 13.37
N GLY A 67 6.66 -3.75 12.37
CA GLY A 67 5.42 -4.44 12.13
C GLY A 67 4.38 -3.63 11.34
N GLU A 68 4.74 -2.42 10.98
CA GLU A 68 3.85 -1.53 10.23
C GLU A 68 4.52 -0.99 8.99
N CYS A 69 3.71 -0.42 8.10
CA CYS A 69 4.24 0.11 6.85
C CYS A 69 4.14 1.63 6.89
N ASP A 70 5.29 2.30 6.95
CA ASP A 70 5.32 3.77 6.98
C ASP A 70 5.26 4.34 5.55
N PHE A 71 5.40 5.65 5.41
CA PHE A 71 5.20 6.23 4.10
C PHE A 71 6.29 5.77 3.09
N GLN A 72 7.53 5.72 3.55
CA GLN A 72 8.63 5.30 2.66
C GLN A 72 8.41 3.84 2.24
N GLU A 73 7.98 3.02 3.19
CA GLU A 73 7.70 1.59 2.90
C GLU A 73 6.52 1.45 1.94
N PHE A 74 5.56 2.36 2.07
CA PHE A 74 4.43 2.37 1.14
C PHE A 74 4.89 2.78 -0.26
N MET A 75 5.79 3.75 -0.36
CA MET A 75 6.39 4.16 -1.66
CA MET A 75 6.26 4.11 -1.70
C MET A 75 7.00 2.94 -2.33
N ALA A 76 7.68 2.11 -1.55
CA ALA A 76 8.32 0.90 -2.10
C ALA A 76 7.24 -0.07 -2.59
N PHE A 77 6.16 -0.22 -1.83
CA PHE A 77 5.02 -1.02 -2.30
C PHE A 77 4.48 -0.52 -3.61
N VAL A 78 4.25 0.79 -3.67
CA VAL A 78 3.76 1.39 -4.92
C VAL A 78 4.70 1.12 -6.09
N ALA A 79 6.01 1.23 -5.86
CA ALA A 79 6.98 0.87 -6.92
C ALA A 79 6.86 -0.59 -7.37
N MET A 80 6.66 -1.50 -6.42
CA MET A 80 6.49 -2.95 -6.73
C MET A 80 5.24 -3.17 -7.60
N ILE A 81 4.14 -2.54 -7.21
CA ILE A 81 2.88 -2.71 -7.91
C ILE A 81 2.98 -2.14 -9.31
N THR A 82 3.53 -0.93 -9.42
CA THR A 82 3.64 -0.25 -10.71
C THR A 82 4.54 -1.01 -11.66
N THR A 83 5.63 -1.55 -11.15
CA THR A 83 6.53 -2.37 -11.95
C THR A 83 5.81 -3.62 -12.45
N ALA A 84 5.03 -4.24 -11.58
CA ALA A 84 4.26 -5.44 -11.97
C ALA A 84 3.28 -5.15 -13.10
N CYS A 85 2.54 -4.05 -12.96
CA CYS A 85 1.57 -3.59 -13.97
CA CYS A 85 1.58 -3.70 -14.00
C CYS A 85 2.30 -3.35 -15.28
N HIS A 86 3.43 -2.66 -15.18
CA HIS A 86 4.22 -2.26 -16.35
C HIS A 86 4.69 -3.46 -17.14
N GLU A 87 4.99 -4.53 -16.41
CA GLU A 87 5.44 -5.78 -16.99
C GLU A 87 4.21 -6.62 -17.33
N PHE A 88 4.42 -7.78 -17.91
CA PHE A 88 3.38 -8.38 -18.77
C PHE A 88 2.55 -7.24 -19.44
N PHE A 89 3.24 -6.51 -20.34
CA PHE A 89 2.79 -5.23 -20.92
C PHE A 89 1.43 -5.27 -21.59
CA CA B . -2.47 3.54 11.34
CA CA C . 8.01 -0.43 9.19
N2 AZ3 D . -2.28 -11.48 -12.08
C7 AZ3 D . -2.67 -10.30 -11.86
N1 AZ3 D . -2.44 -9.72 -10.67
C3 AZ3 D . -3.40 -9.53 -12.93
C2 AZ3 D . -4.26 -8.48 -12.56
C1 AZ3 D . -4.95 -7.76 -13.52
C4 AZ3 D . -3.23 -9.83 -14.28
C5 AZ3 D . -3.91 -9.10 -15.25
C6 AZ3 D . -4.77 -8.06 -14.88
O1 AZ3 D . -5.42 -7.38 -15.88
C8 AZ3 D . -6.36 -6.31 -15.66
C9 AZ3 D . -5.63 -5.06 -15.20
C10 AZ3 D . -5.36 -4.05 -16.30
C11 AZ3 D . -4.14 -3.21 -15.94
C12 AZ3 D . -3.60 -2.44 -17.15
C13 AZ3 D . -3.36 -0.97 -16.81
C14 AZ3 D . -1.97 -0.42 -17.18
O2 AZ3 D . -1.30 -1.34 -18.02
C15 AZ3 D . -0.19 -1.07 -18.78
C16 AZ3 D . 0.04 0.12 -19.49
C17 AZ3 D . 1.20 0.28 -20.27
C20 AZ3 D . 0.72 -2.11 -18.82
C19 AZ3 D . 1.86 -1.96 -19.57
C18 AZ3 D . 2.10 -0.80 -20.30
C21 AZ3 D . 3.40 -0.79 -21.05
N3 AZ3 D . 4.46 -1.39 -20.50
N4 AZ3 D . 3.49 -0.21 -22.17
#